data_6JIB
#
_entry.id   6JIB
#
_cell.length_a   116.424
_cell.length_b   116.424
_cell.length_c   113.178
_cell.angle_alpha   90.000
_cell.angle_beta   90.000
_cell.angle_gamma   120.000
#
_symmetry.space_group_name_H-M   'P 65'
#
loop_
_entity.id
_entity.type
_entity.pdbx_description
1 polymer 'Bifunctional methylenetetrahydrofolate dehydrogenase/cyclohydrolase, mitochondrial'
2 non-polymer '4-(5-oxo-1,5-dihydro-2H-[1]benzopyrano[3,4-c]pyridine-3(4H)-carbonyl)benzoic acid'
3 non-polymer 'PHOSPHATE ION'
4 non-polymer GLYCEROL
5 water water
#
_entity_poly.entity_id   1
_entity_poly.type   'polypeptide(L)'
_entity_poly.pdbx_seq_one_letter_code
;MGSSHHHHHHSSGENLYFQGEAVVISGRKLAQQIKQEVRQEVEEWVASGNKRPHLSVILVGENPASHSYVLNKTRAAAVV
GINSETIMKPASISEEELLNLINKLNNDDNVDGLLVQLPLPEHIDERRICNAVSPDKDVDGFHVINVGRMCLDQYSMLPA
TPWGVWEIIKRTGIPTLGKNVVVAGRSKNVGMPIAMLLHTDGAHERPGGDATVTISHRYTPKEQLKKHTILADIVISAAG
IPNLITADMIKEGAAVIDVGINRVHDPVTAKPKLVGDVDFEGVRQKAGYITPVPGGVGPMTVAMLMKNTIIAAKKVLRLE
ERE
;
_entity_poly.pdbx_strand_id   A,B
#
loop_
_chem_comp.id
_chem_comp.type
_chem_comp.name
_chem_comp.formula
BQF non-polymer '4-(5-oxo-1,5-dihydro-2H-[1]benzopyrano[3,4-c]pyridine-3(4H)-carbonyl)benzoic acid' 'C20 H15 N O5'
GOL non-polymer GLYCEROL 'C3 H8 O3'
PO4 non-polymer 'PHOSPHATE ION' 'O4 P -3'
#
# COMPACT_ATOMS: atom_id res chain seq x y z
N GLU A 21 -4.06 23.09 27.07
CA GLU A 21 -4.30 21.60 27.04
C GLU A 21 -5.30 21.22 25.95
N ALA A 22 -5.44 19.90 25.71
CA ALA A 22 -5.96 19.36 24.47
C ALA A 22 -7.47 19.59 24.32
N VAL A 23 -7.89 20.13 23.17
CA VAL A 23 -9.23 19.91 22.66
C VAL A 23 -9.45 18.41 22.49
N VAL A 24 -10.34 17.85 23.31
CA VAL A 24 -10.80 16.47 23.14
C VAL A 24 -11.83 16.45 22.02
N ILE A 25 -11.66 15.54 21.05
CA ILE A 25 -12.56 15.48 19.92
C ILE A 25 -13.58 14.39 20.20
N SER A 26 -14.86 14.72 20.13
CA SER A 26 -15.83 13.67 20.37
C SER A 26 -16.12 12.94 19.07
N GLY A 27 -15.62 11.70 18.99
CA GLY A 27 -15.89 10.90 17.83
C GLY A 27 -17.36 10.46 17.84
N ARG A 28 -17.91 10.31 19.05
CA ARG A 28 -19.33 10.00 19.20
C ARG A 28 -20.20 11.08 18.51
N LYS A 29 -19.92 12.35 18.79
CA LYS A 29 -20.67 13.49 18.29
C LYS A 29 -20.48 13.61 16.77
N LEU A 30 -19.23 13.69 16.30
CA LEU A 30 -18.96 13.72 14.87
C LEU A 30 -19.62 12.53 14.18
N ALA A 31 -19.58 11.33 14.78
CA ALA A 31 -20.24 10.20 14.12
C ALA A 31 -21.76 10.38 14.03
N GLN A 32 -22.37 11.03 15.02
CA GLN A 32 -23.81 11.21 14.97
C GLN A 32 -24.16 12.20 13.86
N GLN A 33 -23.30 13.20 13.75
CA GLN A 33 -23.37 14.16 12.68
C GLN A 33 -23.37 13.41 11.35
N ILE A 34 -22.31 12.61 11.13
CA ILE A 34 -22.17 11.91 9.86
C ILE A 34 -23.39 11.03 9.64
N LYS A 35 -23.94 10.47 10.70
CA LYS A 35 -25.06 9.57 10.50
C LYS A 35 -26.27 10.37 10.03
N GLN A 36 -26.31 11.66 10.44
CA GLN A 36 -27.40 12.54 10.08
C GLN A 36 -27.32 12.83 8.59
N GLU A 37 -26.10 13.07 8.09
CA GLU A 37 -25.90 13.23 6.67
C GLU A 37 -26.39 11.98 5.95
N VAL A 38 -26.00 10.83 6.48
CA VAL A 38 -26.32 9.61 5.78
C VAL A 38 -27.83 9.44 5.77
N ARG A 39 -28.47 9.68 6.93
CA ARG A 39 -29.92 9.55 7.00
C ARG A 39 -30.60 10.39 5.90
N GLN A 40 -30.20 11.66 5.74
CA GLN A 40 -30.74 12.58 4.73
C GLN A 40 -30.50 12.00 3.34
N GLU A 41 -29.27 11.55 3.11
CA GLU A 41 -28.90 10.97 1.83
C GLU A 41 -29.76 9.75 1.52
N VAL A 42 -30.02 8.90 2.53
CA VAL A 42 -30.86 7.72 2.32
C VAL A 42 -32.31 8.13 2.04
N GLU A 43 -32.82 9.09 2.82
CA GLU A 43 -34.18 9.60 2.69
C GLU A 43 -34.40 10.09 1.25
N GLU A 44 -33.38 10.77 0.70
CA GLU A 44 -33.45 11.40 -0.61
C GLU A 44 -33.51 10.30 -1.66
N TRP A 45 -32.69 9.27 -1.43
CA TRP A 45 -32.53 8.18 -2.38
C TRP A 45 -33.86 7.45 -2.53
N VAL A 46 -34.52 7.18 -1.39
CA VAL A 46 -35.76 6.44 -1.33
C VAL A 46 -36.88 7.32 -1.90
N ALA A 47 -36.95 8.57 -1.44
CA ALA A 47 -37.99 9.48 -1.93
C ALA A 47 -37.88 9.69 -3.44
N SER A 48 -36.67 9.59 -4.02
CA SER A 48 -36.47 9.63 -5.47
C SER A 48 -37.06 8.39 -6.16
N GLY A 49 -37.56 7.42 -5.42
CA GLY A 49 -38.08 6.22 -6.09
C GLY A 49 -37.21 4.97 -5.95
N ASN A 50 -36.05 5.05 -5.30
CA ASN A 50 -35.14 3.91 -5.27
C ASN A 50 -35.44 2.97 -4.10
N LYS A 51 -34.98 1.72 -4.24
CA LYS A 51 -35.09 0.72 -3.19
C LYS A 51 -34.35 1.22 -1.95
N ARG A 52 -34.89 0.98 -0.76
CA ARG A 52 -34.19 1.37 0.46
C ARG A 52 -32.92 0.53 0.57
N PRO A 53 -31.75 1.09 0.99
CA PRO A 53 -30.51 0.32 1.03
C PRO A 53 -30.64 -0.79 2.08
N HIS A 54 -30.14 -1.99 1.74
CA HIS A 54 -30.03 -3.10 2.67
C HIS A 54 -28.57 -3.57 2.87
N LEU A 55 -28.13 -3.61 4.15
CA LEU A 55 -26.85 -4.15 4.59
C LEU A 55 -27.03 -5.54 5.22
N SER A 56 -26.27 -6.53 4.75
CA SER A 56 -26.22 -7.81 5.48
C SER A 56 -24.88 -7.96 6.17
N VAL A 57 -24.93 -8.41 7.44
CA VAL A 57 -23.76 -8.71 8.25
C VAL A 57 -23.71 -10.23 8.47
N ILE A 58 -22.55 -10.85 8.25
CA ILE A 58 -22.39 -12.25 8.62
C ILE A 58 -21.52 -12.33 9.87
N LEU A 59 -22.03 -13.04 10.88
CA LEU A 59 -21.32 -13.09 12.15
C LEU A 59 -21.18 -14.55 12.54
N VAL A 60 -19.93 -14.96 12.77
CA VAL A 60 -19.58 -16.35 12.98
C VAL A 60 -19.11 -16.49 14.40
N GLY A 61 -19.73 -17.41 15.16
CA GLY A 61 -19.25 -17.69 16.51
C GLY A 61 -19.84 -16.72 17.52
N GLU A 62 -19.03 -16.39 18.53
CA GLU A 62 -19.53 -15.87 19.79
C GLU A 62 -18.54 -14.89 20.44
N ASN A 63 -17.50 -14.46 19.73
CA ASN A 63 -16.67 -13.43 20.36
C ASN A 63 -17.60 -12.32 20.87
N PRO A 64 -17.55 -11.97 22.18
CA PRO A 64 -18.48 -10.98 22.74
C PRO A 64 -18.24 -9.56 22.21
N ALA A 65 -16.97 -9.19 21.98
CA ALA A 65 -16.65 -7.97 21.26
C ALA A 65 -17.36 -8.00 19.90
N SER A 66 -17.21 -9.11 19.19
CA SER A 66 -17.77 -9.14 17.86
C SER A 66 -19.27 -8.88 17.92
N HIS A 67 -19.92 -9.50 18.89
CA HIS A 67 -21.37 -9.43 19.00
C HIS A 67 -21.75 -7.98 19.25
N SER A 68 -20.93 -7.30 20.02
CA SER A 68 -21.32 -5.95 20.39
C SER A 68 -21.11 -5.05 19.18
N TYR A 69 -20.10 -5.38 18.36
CA TYR A 69 -19.76 -4.56 17.21
C TYR A 69 -20.87 -4.74 16.20
N VAL A 70 -21.39 -5.96 16.10
CA VAL A 70 -22.47 -6.12 15.16
C VAL A 70 -23.68 -5.34 15.69
N LEU A 71 -23.87 -5.31 17.01
CA LEU A 71 -25.00 -4.57 17.57
C LEU A 71 -24.89 -3.10 17.17
N ASN A 72 -23.68 -2.52 17.37
CA ASN A 72 -23.39 -1.15 16.99
C ASN A 72 -23.77 -0.87 15.53
N LYS A 73 -23.37 -1.79 14.64
CA LYS A 73 -23.61 -1.64 13.22
C LYS A 73 -25.10 -1.67 12.90
N THR A 74 -25.85 -2.57 13.55
CA THR A 74 -27.27 -2.74 13.27
C THR A 74 -28.02 -1.52 13.78
N ARG A 75 -27.55 -0.94 14.89
CA ARG A 75 -28.20 0.24 15.45
C ARG A 75 -27.97 1.44 14.54
N ALA A 76 -26.70 1.61 14.12
CA ALA A 76 -26.35 2.68 13.19
C ALA A 76 -27.21 2.59 11.94
N ALA A 77 -27.35 1.39 11.37
CA ALA A 77 -28.17 1.25 10.19
C ALA A 77 -29.61 1.71 10.47
N ALA A 78 -30.13 1.32 11.64
CA ALA A 78 -31.54 1.60 11.95
C ALA A 78 -31.70 3.11 12.02
N VAL A 79 -30.87 3.76 12.83
CA VAL A 79 -30.78 5.21 12.86
C VAL A 79 -30.78 5.87 11.47
N VAL A 80 -29.99 5.37 10.48
CA VAL A 80 -29.85 6.11 9.24
C VAL A 80 -30.85 5.65 8.19
N GLY A 81 -31.82 4.81 8.57
CA GLY A 81 -32.83 4.41 7.62
C GLY A 81 -32.34 3.29 6.71
N ILE A 82 -31.28 2.60 7.11
CA ILE A 82 -30.86 1.47 6.27
C ILE A 82 -31.37 0.15 6.85
N ASN A 83 -31.89 -0.70 5.97
CA ASN A 83 -32.27 -2.04 6.39
C ASN A 83 -31.03 -2.90 6.69
N SER A 84 -31.09 -3.64 7.82
CA SER A 84 -30.06 -4.60 8.21
C SER A 84 -30.61 -6.01 8.41
N GLU A 85 -29.71 -6.99 8.34
CA GLU A 85 -29.89 -8.33 8.89
C GLU A 85 -28.53 -8.92 9.29
N THR A 86 -28.44 -9.44 10.52
CA THR A 86 -27.30 -10.25 10.90
C THR A 86 -27.64 -11.72 10.68
N ILE A 87 -26.75 -12.44 9.99
CA ILE A 87 -26.85 -13.89 9.89
C ILE A 87 -25.74 -14.48 10.73
N MET A 88 -26.13 -15.01 11.91
CA MET A 88 -25.19 -15.58 12.88
C MET A 88 -24.96 -17.04 12.53
N LYS A 89 -23.69 -17.44 12.53
CA LYS A 89 -23.29 -18.82 12.26
C LYS A 89 -22.47 -19.33 13.44
N PRO A 90 -22.50 -20.65 13.72
CA PRO A 90 -21.68 -21.18 14.80
C PRO A 90 -20.24 -21.14 14.32
N ALA A 91 -19.30 -21.04 15.27
CA ALA A 91 -17.87 -21.06 15.00
C ALA A 91 -17.48 -22.35 14.32
N SER A 92 -18.43 -23.29 14.24
CA SER A 92 -18.08 -24.63 13.83
C SER A 92 -18.25 -24.72 12.32
N ILE A 93 -18.89 -23.68 11.74
CA ILE A 93 -19.11 -23.61 10.31
C ILE A 93 -17.78 -23.82 9.59
N SER A 94 -17.86 -24.40 8.38
CA SER A 94 -16.67 -24.54 7.58
C SER A 94 -16.54 -23.37 6.63
N GLU A 95 -15.30 -23.16 6.22
CA GLU A 95 -14.95 -22.22 5.16
C GLU A 95 -15.91 -22.35 3.98
N GLU A 96 -16.14 -23.58 3.52
CA GLU A 96 -16.96 -23.74 2.32
C GLU A 96 -18.40 -23.33 2.60
N GLU A 97 -18.87 -23.62 3.82
CA GLU A 97 -20.22 -23.21 4.12
C GLU A 97 -20.28 -21.70 4.11
N LEU A 98 -19.23 -21.05 4.65
CA LEU A 98 -19.21 -19.59 4.70
C LEU A 98 -19.25 -19.03 3.27
N LEU A 99 -18.60 -19.71 2.33
CA LEU A 99 -18.53 -19.14 0.99
C LEU A 99 -19.89 -19.28 0.31
N ASN A 100 -20.66 -20.31 0.68
CA ASN A 100 -21.95 -20.50 0.06
C ASN A 100 -22.89 -19.39 0.49
N LEU A 101 -22.89 -19.11 1.79
CA LEU A 101 -23.68 -18.00 2.31
C LEU A 101 -23.30 -16.68 1.62
N ILE A 102 -21.99 -16.43 1.45
CA ILE A 102 -21.51 -15.18 0.87
C ILE A 102 -21.90 -15.19 -0.60
N ASN A 103 -21.79 -16.35 -1.21
CA ASN A 103 -22.16 -16.42 -2.61
C ASN A 103 -23.66 -16.13 -2.73
N LYS A 104 -24.44 -16.63 -1.76
CA LYS A 104 -25.87 -16.39 -1.83
C LYS A 104 -26.13 -14.88 -1.79
N LEU A 105 -25.58 -14.21 -0.77
CA LEU A 105 -25.86 -12.80 -0.53
C LEU A 105 -25.32 -11.94 -1.69
N ASN A 106 -24.23 -12.36 -2.33
CA ASN A 106 -23.67 -11.63 -3.46
C ASN A 106 -24.70 -11.52 -4.58
N ASN A 107 -25.56 -12.53 -4.67
CA ASN A 107 -26.47 -12.72 -5.80
C ASN A 107 -27.86 -12.14 -5.53
N ASP A 108 -28.19 -11.94 -4.25
CA ASP A 108 -29.45 -11.35 -3.82
C ASP A 108 -29.42 -9.85 -4.10
N ASP A 109 -30.13 -9.43 -5.17
CA ASP A 109 -30.16 -8.05 -5.61
C ASP A 109 -30.68 -7.11 -4.51
N ASN A 110 -31.33 -7.66 -3.50
CA ASN A 110 -31.77 -6.84 -2.40
C ASN A 110 -30.63 -6.45 -1.47
N VAL A 111 -29.48 -7.13 -1.57
CA VAL A 111 -28.44 -6.85 -0.60
C VAL A 111 -27.48 -5.83 -1.22
N ASP A 112 -27.41 -4.63 -0.65
CA ASP A 112 -26.51 -3.64 -1.23
C ASP A 112 -25.11 -3.74 -0.60
N GLY A 113 -25.03 -3.80 0.74
CA GLY A 113 -23.75 -3.99 1.41
C GLY A 113 -23.67 -5.37 2.07
N LEU A 114 -22.45 -5.90 2.21
CA LEU A 114 -22.23 -7.21 2.81
C LEU A 114 -20.90 -7.17 3.57
N LEU A 115 -20.94 -7.49 4.85
CA LEU A 115 -19.67 -7.57 5.54
C LEU A 115 -19.63 -8.82 6.42
N VAL A 116 -18.43 -9.40 6.57
CA VAL A 116 -18.24 -10.55 7.42
C VAL A 116 -17.53 -10.05 8.67
N GLN A 117 -18.19 -10.10 9.82
CA GLN A 117 -17.56 -9.56 11.03
C GLN A 117 -16.23 -10.29 11.23
N LEU A 118 -15.17 -9.57 11.62
CA LEU A 118 -13.89 -10.21 11.91
C LEU A 118 -13.61 -10.12 13.41
N PRO A 119 -12.79 -11.03 14.02
CA PRO A 119 -12.03 -12.05 13.28
C PRO A 119 -12.85 -13.32 13.09
N LEU A 120 -12.43 -14.17 12.14
CA LEU A 120 -13.08 -15.45 11.85
C LEU A 120 -12.34 -16.55 12.60
N PRO A 121 -12.92 -17.76 12.77
CA PRO A 121 -12.17 -18.88 13.37
C PRO A 121 -10.96 -19.30 12.52
N GLU A 122 -9.97 -19.89 13.17
CA GLU A 122 -8.70 -20.19 12.54
C GLU A 122 -8.82 -21.10 11.33
N HIS A 123 -9.78 -22.03 11.32
CA HIS A 123 -9.93 -22.91 10.17
C HIS A 123 -10.56 -22.21 8.98
N ILE A 124 -10.86 -20.92 9.12
CA ILE A 124 -11.41 -20.24 7.96
C ILE A 124 -10.42 -19.19 7.53
N ASP A 125 -10.12 -19.17 6.24
CA ASP A 125 -9.09 -18.26 5.75
C ASP A 125 -9.68 -16.85 5.51
N GLU A 126 -9.18 -15.87 6.27
CA GLU A 126 -9.74 -14.54 6.21
C GLU A 126 -9.68 -13.96 4.80
N ARG A 127 -8.49 -13.99 4.18
CA ARG A 127 -8.23 -13.43 2.86
C ARG A 127 -9.21 -14.01 1.83
N ARG A 128 -9.43 -15.33 1.91
CA ARG A 128 -10.28 -15.99 0.94
C ARG A 128 -11.74 -15.57 1.12
N ILE A 129 -12.19 -15.49 2.38
CA ILE A 129 -13.51 -14.93 2.71
C ILE A 129 -13.61 -13.47 2.24
N CYS A 130 -12.60 -12.67 2.57
CA CYS A 130 -12.67 -11.25 2.22
C CYS A 130 -12.79 -11.09 0.71
N ASN A 131 -12.14 -11.97 -0.06
CA ASN A 131 -12.20 -11.87 -1.51
C ASN A 131 -13.46 -12.53 -2.08
N ALA A 132 -14.20 -13.30 -1.28
CA ALA A 132 -15.45 -13.88 -1.76
C ALA A 132 -16.58 -12.84 -1.84
N VAL A 133 -16.54 -11.82 -0.98
CA VAL A 133 -17.52 -10.76 -0.92
C VAL A 133 -17.39 -9.93 -2.20
N SER A 134 -18.50 -9.71 -2.89
CA SER A 134 -18.46 -8.97 -4.15
C SER A 134 -17.91 -7.56 -3.91
N PRO A 135 -16.92 -7.13 -4.72
CA PRO A 135 -16.29 -5.83 -4.49
C PRO A 135 -17.31 -4.68 -4.46
N ASP A 136 -18.46 -4.83 -5.15
CA ASP A 136 -19.43 -3.76 -5.15
C ASP A 136 -20.27 -3.77 -3.88
N LYS A 137 -20.32 -4.90 -3.16
CA LYS A 137 -21.01 -4.95 -1.88
C LYS A 137 -20.05 -4.78 -0.71
N ASP A 138 -18.74 -4.72 -1.01
CA ASP A 138 -17.71 -4.80 0.01
C ASP A 138 -17.61 -3.53 0.84
N VAL A 139 -18.55 -3.30 1.76
CA VAL A 139 -18.54 -2.03 2.50
C VAL A 139 -17.40 -1.95 3.51
N ASP A 140 -16.72 -3.07 3.76
CA ASP A 140 -15.50 -3.00 4.55
C ASP A 140 -14.29 -2.61 3.71
N GLY A 141 -14.43 -2.66 2.38
CA GLY A 141 -13.33 -2.32 1.50
C GLY A 141 -12.11 -3.21 1.68
N PHE A 142 -12.33 -4.51 1.95
CA PHE A 142 -11.21 -5.38 2.28
C PHE A 142 -10.93 -6.38 1.15
N HIS A 143 -11.76 -6.35 0.09
CA HIS A 143 -11.53 -7.19 -1.06
C HIS A 143 -10.26 -6.72 -1.77
N VAL A 144 -9.54 -7.65 -2.40
CA VAL A 144 -8.20 -7.32 -2.84
C VAL A 144 -8.27 -6.22 -3.91
N ILE A 145 -9.32 -6.20 -4.72
CA ILE A 145 -9.45 -5.16 -5.74
C ILE A 145 -9.63 -3.78 -5.10
N ASN A 146 -10.37 -3.73 -3.99
CA ASN A 146 -10.57 -2.49 -3.25
C ASN A 146 -9.27 -2.07 -2.59
N VAL A 147 -8.46 -3.02 -2.14
CA VAL A 147 -7.18 -2.67 -1.51
C VAL A 147 -6.27 -2.09 -2.59
N GLY A 148 -6.24 -2.77 -3.73
CA GLY A 148 -5.43 -2.40 -4.88
C GLY A 148 -5.86 -1.03 -5.39
N ARG A 149 -7.18 -0.86 -5.61
CA ARG A 149 -7.69 0.43 -6.04
C ARG A 149 -7.26 1.53 -5.06
N MET A 150 -7.40 1.29 -3.75
CA MET A 150 -7.00 2.30 -2.77
C MET A 150 -5.50 2.59 -2.85
N CYS A 151 -4.70 1.53 -3.05
CA CYS A 151 -3.26 1.68 -2.98
C CYS A 151 -2.74 2.36 -4.25
N LEU A 152 -3.61 2.46 -5.27
CA LEU A 152 -3.26 3.21 -6.45
C LEU A 152 -3.97 4.58 -6.42
N ASP A 153 -4.63 4.98 -5.32
CA ASP A 153 -5.26 6.30 -5.24
C ASP A 153 -6.44 6.43 -6.21
N GLN A 154 -7.03 5.31 -6.60
CA GLN A 154 -8.26 5.32 -7.38
C GLN A 154 -9.48 5.35 -6.46
N TYR A 155 -10.66 5.72 -6.99
CA TYR A 155 -11.91 5.60 -6.28
C TYR A 155 -12.06 4.15 -5.80
N SER A 156 -12.46 3.96 -4.55
CA SER A 156 -12.62 2.61 -4.05
C SER A 156 -13.60 2.64 -2.88
N MET A 157 -14.10 1.48 -2.47
CA MET A 157 -14.74 1.41 -1.19
C MET A 157 -13.64 1.45 -0.13
N LEU A 158 -13.50 2.61 0.54
CA LEU A 158 -12.49 2.82 1.55
C LEU A 158 -12.88 2.02 2.80
N PRO A 159 -11.89 1.40 3.48
CA PRO A 159 -12.14 0.74 4.77
C PRO A 159 -12.52 1.75 5.85
N ALA A 160 -13.43 1.33 6.74
CA ALA A 160 -14.20 2.28 7.54
C ALA A 160 -13.35 2.96 8.60
N THR A 161 -12.44 2.21 9.23
CA THR A 161 -11.66 2.82 10.30
C THR A 161 -10.73 3.88 9.74
N PRO A 162 -9.91 3.58 8.72
CA PRO A 162 -9.07 4.60 8.13
C PRO A 162 -9.88 5.78 7.60
N TRP A 163 -10.97 5.52 6.86
CA TRP A 163 -11.80 6.63 6.40
C TRP A 163 -12.27 7.50 7.59
N GLY A 164 -12.65 6.85 8.70
CA GLY A 164 -13.07 7.59 9.89
C GLY A 164 -11.94 8.40 10.51
N VAL A 165 -10.75 7.82 10.63
CA VAL A 165 -9.60 8.60 11.05
C VAL A 165 -9.44 9.80 10.13
N TRP A 166 -9.57 9.58 8.82
CA TRP A 166 -9.39 10.67 7.89
C TRP A 166 -10.41 11.75 8.22
N GLU A 167 -11.64 11.32 8.53
CA GLU A 167 -12.74 12.27 8.70
C GLU A 167 -12.54 13.08 9.99
N ILE A 168 -12.08 12.43 11.05
CA ILE A 168 -11.81 13.14 12.29
C ILE A 168 -10.87 14.28 11.94
N ILE A 169 -9.77 13.91 11.26
CA ILE A 169 -8.75 14.88 10.95
C ILE A 169 -9.32 15.98 10.08
N LYS A 170 -10.02 15.63 9.00
CA LYS A 170 -10.41 16.66 8.05
C LYS A 170 -11.49 17.56 8.64
N ARG A 171 -12.46 17.00 9.37
CA ARG A 171 -13.55 17.85 9.81
C ARG A 171 -13.10 18.70 10.99
N THR A 172 -12.09 18.22 11.73
CA THR A 172 -11.53 18.99 12.82
C THR A 172 -10.59 20.08 12.31
N GLY A 173 -10.30 20.10 11.00
CA GLY A 173 -9.48 21.16 10.41
C GLY A 173 -7.99 21.02 10.69
N ILE A 174 -7.54 19.83 11.09
CA ILE A 174 -6.12 19.59 11.35
C ILE A 174 -5.41 19.39 10.01
N PRO A 175 -4.43 20.24 9.62
CA PRO A 175 -3.81 20.15 8.30
C PRO A 175 -2.94 18.91 8.20
N THR A 176 -2.73 18.43 6.97
CA THR A 176 -1.92 17.23 6.74
C THR A 176 -0.78 17.49 5.75
N LEU A 177 -1.04 18.35 4.76
CA LEU A 177 -0.09 18.60 3.68
C LEU A 177 1.23 19.13 4.23
N GLY A 178 2.31 18.38 4.03
CA GLY A 178 3.61 18.86 4.45
C GLY A 178 3.94 18.46 5.89
N LYS A 179 2.95 17.91 6.61
CA LYS A 179 3.13 17.72 8.05
C LYS A 179 3.81 16.38 8.32
N ASN A 180 4.32 16.20 9.54
CA ASN A 180 4.83 14.88 9.86
C ASN A 180 3.74 14.10 10.55
N VAL A 181 3.62 12.82 10.16
CA VAL A 181 2.61 11.94 10.71
C VAL A 181 3.24 10.60 11.01
N VAL A 182 3.03 10.13 12.24
CA VAL A 182 3.39 8.77 12.57
C VAL A 182 2.11 7.96 12.74
N VAL A 183 2.10 6.77 12.13
CA VAL A 183 1.07 5.76 12.32
C VAL A 183 1.74 4.54 12.92
N ALA A 184 1.38 4.21 14.15
CA ALA A 184 1.90 3.00 14.77
C ALA A 184 0.92 1.87 14.49
N GLY A 185 1.42 0.88 13.76
CA GLY A 185 0.59 -0.28 13.46
C GLY A 185 0.48 -0.38 11.95
N ARG A 186 0.39 -1.59 11.43
CA ARG A 186 0.56 -1.73 10.00
C ARG A 186 -0.35 -2.84 9.52
N SER A 187 -1.39 -3.13 10.31
CA SER A 187 -2.38 -4.10 9.90
C SER A 187 -3.05 -3.65 8.60
N LYS A 188 -3.60 -4.61 7.89
CA LYS A 188 -3.97 -4.39 6.50
C LYS A 188 -5.29 -3.67 6.37
N ASN A 189 -6.12 -3.70 7.41
CA ASN A 189 -7.42 -3.03 7.32
C ASN A 189 -7.46 -1.78 8.22
N VAL A 190 -6.38 -1.52 8.97
CA VAL A 190 -6.33 -0.32 9.80
C VAL A 190 -5.07 0.49 9.52
N GLY A 191 -3.93 0.04 10.03
CA GLY A 191 -2.75 0.88 10.00
C GLY A 191 -2.26 1.17 8.57
N MET A 192 -2.17 0.12 7.74
CA MET A 192 -1.59 0.31 6.41
C MET A 192 -2.45 1.28 5.58
N PRO A 193 -3.79 1.13 5.51
CA PRO A 193 -4.61 2.11 4.79
C PRO A 193 -4.60 3.51 5.40
N ILE A 194 -4.45 3.62 6.73
CA ILE A 194 -4.32 4.96 7.26
C ILE A 194 -3.08 5.63 6.69
N ALA A 195 -1.94 4.92 6.72
CA ALA A 195 -0.67 5.42 6.18
C ALA A 195 -0.78 5.75 4.70
N MET A 196 -1.51 4.90 3.95
CA MET A 196 -1.76 5.09 2.53
C MET A 196 -2.60 6.36 2.27
N LEU A 197 -3.72 6.52 3.01
CA LEU A 197 -4.55 7.72 2.89
C LEU A 197 -3.75 9.00 3.20
N LEU A 198 -2.97 8.96 4.28
CA LEU A 198 -2.34 10.18 4.78
C LEU A 198 -1.17 10.64 3.87
N HIS A 199 -0.41 9.71 3.26
CA HIS A 199 0.78 10.13 2.50
C HIS A 199 0.52 10.49 1.03
N THR A 200 -0.64 10.10 0.48
CA THR A 200 -0.80 10.16 -0.98
C THR A 200 -1.25 11.53 -1.47
N ASP A 201 -1.28 11.66 -2.79
CA ASP A 201 -1.41 12.93 -3.48
C ASP A 201 -2.82 13.49 -3.30
N GLY A 202 -2.89 14.77 -2.96
CA GLY A 202 -4.17 15.43 -2.83
C GLY A 202 -4.85 15.62 -4.19
N ALA A 203 -4.08 15.45 -5.26
CA ALA A 203 -4.61 15.70 -6.60
C ALA A 203 -5.19 14.45 -7.26
N HIS A 204 -4.96 13.24 -6.69
CA HIS A 204 -5.37 11.99 -7.34
C HIS A 204 -6.88 11.75 -7.30
N GLU A 205 -7.35 10.77 -8.09
CA GLU A 205 -8.76 10.40 -8.13
C GLU A 205 -9.34 10.36 -6.72
N ARG A 206 -8.75 9.52 -5.85
CA ARG A 206 -9.07 9.50 -4.44
C ARG A 206 -7.99 10.28 -3.72
N PRO A 207 -8.29 11.54 -3.31
CA PRO A 207 -7.31 12.40 -2.67
C PRO A 207 -6.74 11.73 -1.43
N GLY A 208 -5.44 11.95 -1.23
CA GLY A 208 -4.75 11.68 0.03
C GLY A 208 -4.28 12.95 0.71
N GLY A 209 -3.45 12.75 1.74
CA GLY A 209 -3.15 13.78 2.72
C GLY A 209 -1.88 14.58 2.42
N ASP A 210 -1.00 14.08 1.55
CA ASP A 210 0.23 14.79 1.25
C ASP A 210 1.06 15.02 2.52
N ALA A 211 0.91 14.14 3.49
CA ALA A 211 1.74 14.20 4.67
C ALA A 211 2.97 13.32 4.51
N THR A 212 3.91 13.50 5.44
CA THR A 212 5.12 12.72 5.50
C THR A 212 4.95 11.68 6.60
N VAL A 213 4.84 10.42 6.17
CA VAL A 213 4.28 9.42 7.05
C VAL A 213 5.32 8.39 7.42
N THR A 214 5.37 8.10 8.72
CA THR A 214 6.24 7.08 9.27
C THR A 214 5.35 5.99 9.81
N ILE A 215 5.62 4.75 9.37
CA ILE A 215 4.96 3.54 9.80
C ILE A 215 5.89 2.80 10.76
N SER A 216 5.35 2.48 11.94
CA SER A 216 6.05 1.73 12.95
C SER A 216 5.17 0.56 13.35
N HIS A 217 5.74 -0.37 14.11
CA HIS A 217 5.04 -1.61 14.43
C HIS A 217 5.81 -2.33 15.53
N ARG A 218 5.39 -3.59 15.79
CA ARG A 218 5.85 -4.42 16.89
C ARG A 218 7.39 -4.51 16.94
N TYR A 219 8.10 -4.22 15.85
CA TYR A 219 9.55 -4.23 15.93
C TYR A 219 10.15 -2.84 15.88
N THR A 220 9.34 -1.78 16.01
CA THR A 220 10.02 -0.51 16.24
C THR A 220 10.53 -0.49 17.68
N PRO A 221 11.83 -0.20 17.94
CA PRO A 221 12.31 -0.10 19.32
C PRO A 221 11.68 1.14 19.95
N LYS A 222 11.42 1.08 21.27
CA LYS A 222 10.79 2.16 22.04
C LYS A 222 11.49 3.51 21.81
N GLU A 223 12.83 3.52 21.83
CA GLU A 223 13.55 4.75 21.61
C GLU A 223 13.23 5.26 20.20
N GLN A 224 13.04 4.32 19.26
CA GLN A 224 12.90 4.67 17.86
C GLN A 224 11.51 5.23 17.55
N LEU A 225 10.45 4.62 18.13
CA LEU A 225 9.11 5.21 18.02
C LEU A 225 9.14 6.65 18.51
N LYS A 226 9.73 6.84 19.70
CA LYS A 226 9.74 8.12 20.37
C LYS A 226 10.48 9.14 19.51
N LYS A 227 11.61 8.74 18.91
CA LYS A 227 12.41 9.71 18.17
C LYS A 227 11.60 10.24 16.99
N HIS A 228 10.57 9.48 16.57
CA HIS A 228 9.75 9.84 15.42
C HIS A 228 8.46 10.54 15.86
N THR A 229 7.84 10.03 16.93
CA THR A 229 6.65 10.66 17.47
C THR A 229 6.90 12.13 17.78
N ILE A 230 8.09 12.48 18.29
CA ILE A 230 8.40 13.81 18.79
C ILE A 230 8.41 14.84 17.66
N LEU A 231 8.58 14.38 16.43
CA LEU A 231 8.64 15.31 15.31
C LEU A 231 7.24 15.45 14.73
N ALA A 232 6.31 14.63 15.23
CA ALA A 232 5.02 14.42 14.59
C ALA A 232 4.07 15.58 14.88
N ASP A 233 3.44 16.11 13.82
CA ASP A 233 2.31 17.02 13.92
C ASP A 233 1.02 16.23 14.19
N ILE A 234 0.99 14.96 13.78
CA ILE A 234 -0.14 14.08 14.01
C ILE A 234 0.41 12.70 14.37
N VAL A 235 -0.10 12.11 15.45
CA VAL A 235 0.27 10.76 15.82
C VAL A 235 -1.00 9.94 15.81
N ILE A 236 -0.95 8.78 15.16
CA ILE A 236 -2.14 7.95 15.03
C ILE A 236 -1.76 6.55 15.47
N SER A 237 -2.43 6.04 16.53
CA SER A 237 -1.95 4.80 17.12
C SER A 237 -2.92 3.67 16.87
N ALA A 238 -2.44 2.60 16.22
CA ALA A 238 -3.32 1.48 15.95
C ALA A 238 -2.62 0.19 16.33
N ALA A 239 -2.17 0.12 17.58
CA ALA A 239 -1.27 -0.95 17.98
C ALA A 239 -2.03 -1.95 18.84
N GLY A 240 -2.94 -1.45 19.69
CA GLY A 240 -3.59 -2.33 20.65
C GLY A 240 -2.67 -2.59 21.83
N ILE A 241 -2.06 -1.51 22.33
CA ILE A 241 -1.08 -1.58 23.41
C ILE A 241 -1.32 -0.38 24.32
N PRO A 242 -1.82 -0.65 25.54
CA PRO A 242 -2.09 0.41 26.52
C PRO A 242 -0.82 1.22 26.82
N ASN A 243 -0.98 2.55 26.83
CA ASN A 243 0.06 3.44 27.28
C ASN A 243 1.27 3.41 26.36
N LEU A 244 1.05 2.97 25.12
CA LEU A 244 2.09 3.05 24.10
C LEU A 244 2.43 4.51 23.80
N ILE A 245 1.46 5.41 23.84
CA ILE A 245 1.80 6.81 23.61
C ILE A 245 1.73 7.60 24.93
N THR A 246 2.89 8.12 25.37
CA THR A 246 3.01 8.90 26.60
C THR A 246 3.42 10.31 26.19
N ALA A 247 3.25 11.27 27.11
CA ALA A 247 3.25 12.69 26.78
C ALA A 247 4.63 13.17 26.36
N ASP A 248 5.67 12.44 26.80
CA ASP A 248 7.03 12.80 26.48
C ASP A 248 7.41 12.32 25.09
N MET A 249 6.49 11.55 24.46
CA MET A 249 6.66 11.04 23.10
C MET A 249 6.06 12.06 22.13
N ILE A 250 5.22 12.94 22.65
CA ILE A 250 4.37 13.75 21.80
C ILE A 250 4.91 15.19 21.79
N LYS A 251 4.89 15.84 20.62
CA LYS A 251 5.29 17.23 20.54
C LYS A 251 4.11 18.12 20.91
N GLU A 252 4.39 19.23 21.61
CA GLU A 252 3.33 20.04 22.17
C GLU A 252 2.50 20.67 21.03
N GLY A 253 1.17 20.46 21.11
CA GLY A 253 0.19 20.99 20.18
C GLY A 253 -0.32 19.95 19.18
N ALA A 254 0.30 18.76 19.15
CA ALA A 254 0.08 17.75 18.13
C ALA A 254 -1.31 17.13 18.26
N ALA A 255 -1.83 16.59 17.15
CA ALA A 255 -3.07 15.83 17.20
C ALA A 255 -2.72 14.38 17.48
N VAL A 256 -3.43 13.77 18.42
CA VAL A 256 -3.21 12.38 18.76
C VAL A 256 -4.53 11.64 18.58
N ILE A 257 -4.53 10.63 17.69
CA ILE A 257 -5.74 9.91 17.36
C ILE A 257 -5.55 8.49 17.86
N ASP A 258 -6.49 8.04 18.70
CA ASP A 258 -6.31 6.77 19.37
C ASP A 258 -7.21 5.71 18.71
N VAL A 259 -6.56 4.82 17.94
CA VAL A 259 -7.33 3.82 17.25
C VAL A 259 -7.43 2.58 18.13
N GLY A 260 -6.69 2.57 19.25
CA GLY A 260 -6.62 1.36 20.05
C GLY A 260 -7.95 0.97 20.65
N ILE A 261 -8.19 -0.34 20.76
CA ILE A 261 -9.37 -0.85 21.42
C ILE A 261 -8.90 -1.98 22.30
N ASN A 262 -8.63 -1.67 23.58
CA ASN A 262 -7.93 -2.55 24.51
C ASN A 262 -8.79 -2.79 25.75
N ARG A 263 -9.11 -4.07 26.02
CA ARG A 263 -9.89 -4.57 27.14
C ARG A 263 -8.98 -4.79 28.37
N VAL A 264 -9.09 -3.89 29.36
CA VAL A 264 -8.38 -3.97 30.64
C VAL A 264 -9.42 -4.11 31.76
N HIS A 265 -8.99 -3.93 33.03
CA HIS A 265 -9.90 -4.13 34.14
C HIS A 265 -9.89 -2.92 35.10
N LYS A 271 -14.32 -4.00 37.20
CA LYS A 271 -15.21 -4.40 36.08
C LYS A 271 -14.40 -4.38 34.77
N PRO A 272 -14.72 -5.26 33.78
CA PRO A 272 -14.02 -5.28 32.50
C PRO A 272 -14.03 -3.93 31.79
N LYS A 273 -12.86 -3.29 31.61
CA LYS A 273 -12.78 -1.94 31.08
C LYS A 273 -12.26 -1.92 29.65
N LEU A 274 -12.25 -0.74 29.03
CA LEU A 274 -11.88 -0.57 27.63
C LEU A 274 -11.01 0.69 27.50
N VAL A 275 -9.72 0.56 27.15
CA VAL A 275 -8.88 1.75 26.98
C VAL A 275 -8.22 1.82 25.59
N GLY A 276 -7.55 2.94 25.32
CA GLY A 276 -6.88 3.12 24.05
C GLY A 276 -5.40 2.71 24.11
N ASP A 277 -4.59 3.31 23.24
CA ASP A 277 -3.17 3.05 23.17
C ASP A 277 -2.48 4.28 23.74
N VAL A 278 -3.26 5.35 23.90
CA VAL A 278 -2.65 6.55 24.47
C VAL A 278 -2.88 6.60 25.99
N ASP A 279 -1.96 7.28 26.69
CA ASP A 279 -2.15 7.64 28.08
C ASP A 279 -2.85 9.00 28.07
N PHE A 280 -4.19 8.88 28.09
CA PHE A 280 -5.09 9.96 27.74
C PHE A 280 -4.84 11.10 28.72
N GLU A 281 -4.89 10.74 30.01
CA GLU A 281 -4.70 11.63 31.13
C GLU A 281 -3.36 12.34 31.04
N GLY A 282 -2.28 11.56 30.83
CA GLY A 282 -0.99 12.18 30.57
C GLY A 282 -1.02 13.05 29.32
N VAL A 283 -1.53 12.49 28.20
CA VAL A 283 -1.19 13.03 26.89
C VAL A 283 -1.99 14.29 26.65
N ARG A 284 -3.19 14.35 27.24
CA ARG A 284 -4.11 15.44 26.94
C ARG A 284 -3.52 16.76 27.44
N GLN A 285 -2.58 16.63 28.38
CA GLN A 285 -1.96 17.78 29.03
C GLN A 285 -0.91 18.39 28.10
N LYS A 286 -0.57 17.72 26.99
CA LYS A 286 0.51 18.18 26.14
C LYS A 286 0.07 18.39 24.70
N ALA A 287 -0.87 17.55 24.20
CA ALA A 287 -1.33 17.55 22.82
C ALA A 287 -2.29 18.72 22.57
N GLY A 288 -2.44 19.11 21.30
CA GLY A 288 -3.37 20.15 20.88
C GLY A 288 -4.77 19.62 20.56
N TYR A 289 -4.86 18.33 20.21
CA TYR A 289 -6.13 17.60 20.11
C TYR A 289 -5.88 16.16 20.51
N ILE A 290 -6.95 15.47 20.90
CA ILE A 290 -6.79 14.08 21.28
C ILE A 290 -8.16 13.41 21.16
N THR A 291 -8.18 12.09 21.01
CA THR A 291 -9.47 11.43 20.91
C THR A 291 -9.52 10.43 22.05
N PRO A 292 -10.69 10.25 22.68
CA PRO A 292 -10.78 9.38 23.84
C PRO A 292 -11.14 7.98 23.37
N VAL A 293 -10.90 6.99 24.23
CA VAL A 293 -11.48 5.68 24.06
C VAL A 293 -12.12 5.33 25.39
N PRO A 294 -13.42 4.95 25.47
CA PRO A 294 -14.29 4.86 24.28
C PRO A 294 -14.66 6.25 23.76
N GLY A 295 -15.49 6.27 22.71
CA GLY A 295 -16.09 7.51 22.24
C GLY A 295 -15.32 8.29 21.18
N GLY A 296 -14.19 7.75 20.67
CA GLY A 296 -13.38 8.47 19.69
C GLY A 296 -13.51 7.89 18.28
N VAL A 297 -12.54 7.06 17.87
CA VAL A 297 -12.50 6.49 16.53
C VAL A 297 -13.60 5.44 16.34
N GLY A 298 -13.84 4.60 17.36
CA GLY A 298 -14.81 3.54 17.23
C GLY A 298 -16.11 4.01 16.54
N PRO A 299 -16.84 5.02 17.08
CA PRO A 299 -18.11 5.42 16.49
C PRO A 299 -17.93 5.92 15.06
N MET A 300 -16.77 6.49 14.77
CA MET A 300 -16.53 6.97 13.42
C MET A 300 -16.46 5.78 12.46
N THR A 301 -15.87 4.68 12.97
CA THR A 301 -15.70 3.51 12.13
C THR A 301 -17.09 3.10 11.71
N VAL A 302 -17.99 3.02 12.68
CA VAL A 302 -19.33 2.51 12.41
C VAL A 302 -20.07 3.50 11.51
N ALA A 303 -19.81 4.80 11.70
CA ALA A 303 -20.46 5.81 10.86
C ALA A 303 -20.05 5.67 9.38
N MET A 304 -18.73 5.49 9.14
CA MET A 304 -18.24 5.44 7.77
C MET A 304 -18.78 4.19 7.05
N LEU A 305 -19.02 3.13 7.81
CA LEU A 305 -19.62 1.95 7.25
C LEU A 305 -21.02 2.27 6.68
N MET A 306 -21.75 3.18 7.35
CA MET A 306 -23.07 3.57 6.86
C MET A 306 -22.93 4.33 5.53
N LYS A 307 -21.99 5.27 5.48
CA LYS A 307 -21.68 5.98 4.25
C LYS A 307 -21.28 4.99 3.13
N ASN A 308 -20.51 3.93 3.46
CA ASN A 308 -20.16 2.98 2.42
C ASN A 308 -21.41 2.26 1.91
N THR A 309 -22.40 2.08 2.79
CA THR A 309 -23.55 1.26 2.42
C THR A 309 -24.43 2.04 1.45
N ILE A 310 -24.61 3.34 1.73
CA ILE A 310 -25.39 4.13 0.79
C ILE A 310 -24.62 4.29 -0.51
N ILE A 311 -23.29 4.40 -0.40
CA ILE A 311 -22.50 4.38 -1.63
C ILE A 311 -22.77 3.07 -2.37
N ALA A 312 -22.72 1.93 -1.67
CA ALA A 312 -22.88 0.67 -2.37
C ALA A 312 -24.26 0.63 -3.01
N ALA A 313 -25.28 1.05 -2.25
CA ALA A 313 -26.63 0.97 -2.78
C ALA A 313 -26.79 1.86 -4.01
N LYS A 314 -26.05 2.98 -4.06
CA LYS A 314 -26.20 3.84 -5.21
C LYS A 314 -25.41 3.30 -6.40
N LYS A 315 -24.61 2.25 -6.18
CA LYS A 315 -23.87 1.65 -7.28
C LYS A 315 -23.07 2.73 -8.01
N VAL A 316 -22.55 3.69 -7.23
CA VAL A 316 -21.65 4.76 -7.68
C VAL A 316 -20.43 4.17 -8.38
N LEU A 317 -19.71 3.19 -7.77
CA LEU A 317 -18.43 2.74 -8.29
C LEU A 317 -18.52 1.50 -9.20
N ARG A 318 -19.74 1.04 -9.52
CA ARG A 318 -19.96 -0.17 -10.32
C ARG A 318 -19.03 -0.18 -11.55
N GLU B 21 35.79 5.87 3.93
CA GLU B 21 34.78 6.07 2.84
C GLU B 21 33.76 4.92 2.84
N ALA B 22 32.69 5.08 2.03
CA ALA B 22 31.57 4.16 1.96
C ALA B 22 31.83 3.08 0.91
N VAL B 23 31.55 1.81 1.26
CA VAL B 23 31.55 0.73 0.28
C VAL B 23 30.62 1.05 -0.89
N VAL B 24 31.16 1.20 -2.10
CA VAL B 24 30.29 1.37 -3.26
C VAL B 24 29.72 0.02 -3.71
N ILE B 25 28.39 -0.11 -3.66
CA ILE B 25 27.75 -1.37 -4.03
C ILE B 25 27.68 -1.45 -5.55
N SER B 26 28.06 -2.59 -6.12
CA SER B 26 28.03 -2.69 -7.56
C SER B 26 26.72 -3.29 -8.05
N GLY B 27 25.91 -2.45 -8.69
CA GLY B 27 24.65 -2.93 -9.24
C GLY B 27 24.90 -3.94 -10.36
N ARG B 28 25.90 -3.62 -11.19
CA ARG B 28 26.35 -4.50 -12.26
C ARG B 28 26.67 -5.89 -11.70
N LYS B 29 27.46 -5.96 -10.63
CA LYS B 29 27.91 -7.27 -10.17
C LYS B 29 26.74 -8.07 -9.63
N LEU B 30 25.86 -7.42 -8.85
CA LEU B 30 24.71 -8.09 -8.23
C LEU B 30 23.73 -8.53 -9.32
N ALA B 31 23.48 -7.63 -10.27
CA ALA B 31 22.64 -7.96 -11.40
C ALA B 31 23.20 -9.15 -12.17
N GLN B 32 24.53 -9.19 -12.26
CA GLN B 32 25.21 -10.33 -12.88
C GLN B 32 24.89 -11.61 -12.12
N GLN B 33 24.90 -11.54 -10.79
CA GLN B 33 24.67 -12.75 -10.02
C GLN B 33 23.25 -13.25 -10.25
N ILE B 34 22.28 -12.33 -10.19
CA ILE B 34 20.88 -12.68 -10.33
C ILE B 34 20.65 -13.29 -11.71
N LYS B 35 21.30 -12.70 -12.71
CA LYS B 35 21.21 -13.16 -14.09
C LYS B 35 21.68 -14.62 -14.19
N GLN B 36 22.70 -14.96 -13.38
CA GLN B 36 23.26 -16.31 -13.43
C GLN B 36 22.30 -17.31 -12.77
N GLU B 37 21.74 -16.93 -11.61
CA GLU B 37 20.66 -17.69 -11.00
C GLU B 37 19.58 -17.99 -12.03
N VAL B 38 19.11 -16.94 -12.73
CA VAL B 38 18.00 -17.16 -13.63
C VAL B 38 18.41 -18.09 -14.79
N ARG B 39 19.61 -17.85 -15.31
CA ARG B 39 20.09 -18.64 -16.43
C ARG B 39 20.09 -20.11 -16.02
N GLN B 40 20.50 -20.36 -14.78
CA GLN B 40 20.50 -21.72 -14.26
C GLN B 40 19.08 -22.23 -14.10
N GLU B 41 18.19 -21.39 -13.56
CA GLU B 41 16.82 -21.83 -13.36
C GLU B 41 16.15 -22.12 -14.71
N VAL B 42 16.41 -21.27 -15.71
CA VAL B 42 15.79 -21.51 -17.01
C VAL B 42 16.32 -22.82 -17.61
N GLU B 43 17.64 -23.06 -17.52
CA GLU B 43 18.22 -24.25 -18.13
C GLU B 43 17.60 -25.50 -17.50
N GLU B 44 17.55 -25.52 -16.16
CA GLU B 44 16.97 -26.68 -15.51
C GLU B 44 15.51 -26.81 -15.93
N TRP B 45 14.80 -25.68 -16.03
CA TRP B 45 13.40 -25.73 -16.39
C TRP B 45 13.27 -26.37 -17.78
N VAL B 46 14.17 -26.00 -18.69
CA VAL B 46 14.04 -26.48 -20.06
C VAL B 46 14.49 -27.94 -20.09
N ALA B 47 15.56 -28.26 -19.34
CA ALA B 47 16.07 -29.62 -19.30
C ALA B 47 14.99 -30.56 -18.78
N SER B 48 14.10 -30.08 -17.93
CA SER B 48 13.08 -30.94 -17.39
C SER B 48 12.02 -31.14 -18.45
N GLY B 49 12.24 -30.54 -19.62
CA GLY B 49 11.39 -30.74 -20.78
C GLY B 49 10.32 -29.66 -20.94
N ASN B 50 10.48 -28.51 -20.28
CA ASN B 50 9.44 -27.49 -20.43
C ASN B 50 9.80 -26.54 -21.57
N LYS B 51 8.78 -25.88 -22.11
CA LYS B 51 8.98 -24.81 -23.08
C LYS B 51 9.94 -23.75 -22.52
N ARG B 52 10.81 -23.21 -23.37
CA ARG B 52 11.68 -22.10 -23.01
C ARG B 52 10.81 -20.87 -22.72
N PRO B 53 11.07 -20.08 -21.66
CA PRO B 53 10.24 -18.90 -21.38
C PRO B 53 10.25 -17.95 -22.55
N HIS B 54 9.11 -17.30 -22.82
CA HIS B 54 9.10 -16.17 -23.74
C HIS B 54 8.58 -14.90 -23.05
N LEU B 55 9.33 -13.78 -23.21
CA LEU B 55 8.95 -12.44 -22.74
C LEU B 55 8.58 -11.56 -23.94
N SER B 56 7.37 -10.99 -23.91
CA SER B 56 6.97 -10.01 -24.92
C SER B 56 6.96 -8.60 -24.33
N VAL B 57 7.52 -7.66 -25.08
CA VAL B 57 7.59 -6.27 -24.66
C VAL B 57 6.91 -5.39 -25.71
N ILE B 58 5.89 -4.65 -25.29
CA ILE B 58 5.27 -3.69 -26.18
C ILE B 58 5.89 -2.34 -25.92
N LEU B 59 6.41 -1.72 -26.99
CA LEU B 59 7.03 -0.42 -26.88
C LEU B 59 6.24 0.53 -27.78
N VAL B 60 5.82 1.68 -27.22
CA VAL B 60 4.96 2.59 -27.95
C VAL B 60 5.72 3.88 -28.22
N GLY B 61 5.67 4.33 -29.49
CA GLY B 61 6.33 5.58 -29.85
C GLY B 61 7.84 5.46 -29.83
N GLU B 62 8.52 6.53 -29.43
CA GLU B 62 9.94 6.70 -29.73
C GLU B 62 10.68 7.49 -28.65
N ASN B 63 10.19 7.44 -27.41
CA ASN B 63 10.99 7.97 -26.32
C ASN B 63 12.36 7.28 -26.36
N PRO B 64 13.47 8.01 -26.59
CA PRO B 64 14.80 7.41 -26.58
C PRO B 64 15.13 6.52 -25.38
N ALA B 65 14.85 6.98 -24.16
CA ALA B 65 15.15 6.22 -22.94
C ALA B 65 14.34 4.92 -22.91
N SER B 66 13.06 4.98 -23.29
CA SER B 66 12.26 3.78 -23.37
C SER B 66 12.94 2.76 -24.27
N HIS B 67 13.39 3.26 -25.43
CA HIS B 67 13.90 2.43 -26.49
C HIS B 67 15.17 1.72 -25.99
N SER B 68 15.96 2.43 -25.20
CA SER B 68 17.17 1.82 -24.67
C SER B 68 16.81 0.88 -23.52
N TYR B 69 15.74 1.20 -22.76
CA TYR B 69 15.38 0.33 -21.65
C TYR B 69 14.91 -1.00 -22.21
N VAL B 70 14.16 -0.94 -23.30
CA VAL B 70 13.69 -2.18 -23.87
C VAL B 70 14.85 -2.98 -24.46
N LEU B 71 15.93 -2.30 -24.89
CA LEU B 71 17.03 -3.08 -25.45
C LEU B 71 17.74 -3.76 -24.29
N ASN B 72 17.79 -3.08 -23.15
CA ASN B 72 18.43 -3.64 -21.97
C ASN B 72 17.65 -4.86 -21.52
N LYS B 73 16.32 -4.81 -21.69
CA LYS B 73 15.54 -5.96 -21.24
C LYS B 73 15.74 -7.12 -22.21
N THR B 74 15.83 -6.82 -23.51
CA THR B 74 15.99 -7.87 -24.51
C THR B 74 17.37 -8.50 -24.38
N ARG B 75 18.40 -7.69 -24.11
CA ARG B 75 19.70 -8.31 -23.96
C ARG B 75 19.67 -9.29 -22.79
N ALA B 76 19.13 -8.83 -21.65
CA ALA B 76 19.16 -9.61 -20.43
C ALA B 76 18.40 -10.92 -20.63
N ALA B 77 17.29 -10.88 -21.36
CA ALA B 77 16.57 -12.11 -21.62
C ALA B 77 17.43 -13.07 -22.46
N ALA B 78 18.04 -12.53 -23.52
CA ALA B 78 18.90 -13.33 -24.37
C ALA B 78 20.00 -13.97 -23.52
N VAL B 79 20.62 -13.21 -22.60
CA VAL B 79 21.74 -13.77 -21.86
C VAL B 79 21.26 -14.83 -20.87
N VAL B 80 19.98 -14.83 -20.48
CA VAL B 80 19.59 -15.81 -19.48
C VAL B 80 18.81 -16.95 -20.14
N GLY B 81 18.86 -17.02 -21.47
CA GLY B 81 18.17 -18.08 -22.18
C GLY B 81 16.64 -17.90 -22.24
N ILE B 82 16.16 -16.66 -22.06
CA ILE B 82 14.72 -16.44 -22.20
C ILE B 82 14.46 -15.81 -23.57
N ASN B 83 13.51 -16.35 -24.34
CA ASN B 83 13.18 -15.78 -25.64
C ASN B 83 12.43 -14.46 -25.45
N SER B 84 12.63 -13.50 -26.37
CA SER B 84 11.89 -12.24 -26.34
C SER B 84 11.49 -11.77 -27.73
N GLU B 85 10.50 -10.87 -27.73
CA GLU B 85 10.20 -10.00 -28.86
C GLU B 85 9.70 -8.66 -28.32
N THR B 86 10.31 -7.57 -28.80
CA THR B 86 9.75 -6.25 -28.62
C THR B 86 8.86 -5.90 -29.82
N ILE B 87 7.57 -5.68 -29.54
CA ILE B 87 6.64 -5.18 -30.54
C ILE B 87 6.51 -3.66 -30.43
N MET B 88 7.15 -2.94 -31.36
CA MET B 88 7.11 -1.50 -31.38
C MET B 88 5.94 -0.96 -32.22
N LYS B 89 5.09 -0.17 -31.57
CA LYS B 89 3.99 0.51 -32.25
C LYS B 89 4.27 2.01 -32.22
N PRO B 90 3.70 2.81 -33.17
CA PRO B 90 3.94 4.26 -33.17
C PRO B 90 3.07 4.94 -32.11
N ALA B 91 3.53 6.10 -31.62
CA ALA B 91 2.79 6.93 -30.67
C ALA B 91 1.31 7.04 -31.05
N SER B 92 1.01 7.06 -32.35
CA SER B 92 -0.33 7.33 -32.84
C SER B 92 -1.28 6.18 -32.52
N ILE B 93 -0.80 5.09 -31.90
CA ILE B 93 -1.70 3.95 -31.79
C ILE B 93 -2.91 4.32 -30.92
N SER B 94 -4.08 3.77 -31.25
CA SER B 94 -5.21 4.07 -30.40
C SER B 94 -5.21 3.10 -29.22
N GLU B 95 -5.64 3.63 -28.09
CA GLU B 95 -5.72 2.90 -26.84
C GLU B 95 -6.41 1.56 -27.11
N GLU B 96 -7.33 1.55 -28.08
CA GLU B 96 -8.12 0.36 -28.27
C GLU B 96 -7.32 -0.67 -29.07
N GLU B 97 -6.42 -0.18 -29.91
CA GLU B 97 -5.54 -1.06 -30.67
C GLU B 97 -4.60 -1.77 -29.68
N LEU B 98 -3.87 -0.94 -28.93
CA LEU B 98 -3.07 -1.40 -27.79
C LEU B 98 -3.80 -2.49 -27.00
N LEU B 99 -5.07 -2.26 -26.64
CA LEU B 99 -5.79 -3.26 -25.87
C LEU B 99 -5.94 -4.56 -26.68
N ASN B 100 -6.06 -4.42 -28.00
CA ASN B 100 -6.24 -5.60 -28.84
C ASN B 100 -4.94 -6.42 -28.85
N LEU B 101 -3.84 -5.70 -29.05
CA LEU B 101 -2.49 -6.25 -29.03
C LEU B 101 -2.26 -7.02 -27.73
N ILE B 102 -2.51 -6.36 -26.59
CA ILE B 102 -2.38 -6.98 -25.27
C ILE B 102 -3.28 -8.20 -25.21
N ASN B 103 -4.50 -8.08 -25.78
CA ASN B 103 -5.43 -9.20 -25.72
C ASN B 103 -4.92 -10.39 -26.51
N LYS B 104 -4.32 -10.09 -27.67
CA LYS B 104 -3.65 -11.13 -28.44
C LYS B 104 -2.60 -11.78 -27.54
N LEU B 105 -1.63 -10.98 -27.06
CA LEU B 105 -0.54 -11.55 -26.30
C LEU B 105 -1.05 -12.35 -25.10
N ASN B 106 -2.08 -11.82 -24.43
CA ASN B 106 -2.62 -12.48 -23.25
C ASN B 106 -3.09 -13.88 -23.62
N ASN B 107 -3.51 -14.07 -24.86
CA ASN B 107 -4.19 -15.29 -25.25
C ASN B 107 -3.20 -16.32 -25.83
N ASP B 108 -2.03 -15.83 -26.28
CA ASP B 108 -0.98 -16.64 -26.88
C ASP B 108 -0.25 -17.46 -25.81
N ASP B 109 -0.51 -18.78 -25.75
CA ASP B 109 0.05 -19.64 -24.72
C ASP B 109 1.57 -19.71 -24.81
N ASN B 110 2.16 -19.05 -25.81
CA ASN B 110 3.60 -19.11 -25.94
C ASN B 110 4.25 -17.92 -25.20
N VAL B 111 3.46 -16.88 -24.91
CA VAL B 111 3.96 -15.73 -24.15
C VAL B 111 3.78 -16.03 -22.66
N ASP B 112 4.88 -16.06 -21.90
CA ASP B 112 4.78 -16.21 -20.45
C ASP B 112 4.69 -14.85 -19.75
N GLY B 113 5.54 -13.91 -20.17
CA GLY B 113 5.56 -12.59 -19.59
C GLY B 113 5.18 -11.56 -20.66
N LEU B 114 4.34 -10.61 -20.28
CA LEU B 114 3.98 -9.50 -21.15
C LEU B 114 4.25 -8.22 -20.37
N LEU B 115 4.96 -7.27 -20.97
CA LEU B 115 4.94 -5.98 -20.30
C LEU B 115 4.76 -4.86 -21.29
N VAL B 116 4.31 -3.72 -20.76
CA VAL B 116 4.12 -2.56 -21.59
C VAL B 116 5.03 -1.47 -21.07
N GLN B 117 6.01 -1.08 -21.90
CA GLN B 117 6.99 -0.07 -21.53
C GLN B 117 6.30 1.28 -21.28
N LEU B 118 6.69 1.96 -20.19
CA LEU B 118 6.14 3.28 -19.82
C LEU B 118 7.21 4.35 -19.99
N PRO B 119 6.89 5.66 -20.15
CA PRO B 119 5.51 6.16 -20.17
C PRO B 119 4.79 5.89 -21.48
N LEU B 120 3.45 5.79 -21.46
CA LEU B 120 2.66 5.75 -22.69
C LEU B 120 2.30 7.18 -23.11
N PRO B 121 1.80 7.41 -24.35
CA PRO B 121 1.44 8.76 -24.79
C PRO B 121 0.26 9.27 -23.96
N GLU B 122 0.15 10.60 -23.81
CA GLU B 122 -0.84 11.23 -22.94
C GLU B 122 -2.25 10.79 -23.30
N HIS B 123 -2.49 10.32 -24.53
CA HIS B 123 -3.87 9.98 -24.86
C HIS B 123 -4.20 8.54 -24.49
N ILE B 124 -3.26 7.81 -23.88
CA ILE B 124 -3.64 6.45 -23.53
C ILE B 124 -3.79 6.38 -22.00
N ASP B 125 -4.91 5.80 -21.55
CA ASP B 125 -5.07 5.57 -20.12
C ASP B 125 -4.10 4.48 -19.65
N GLU B 126 -3.01 4.91 -19.01
CA GLU B 126 -2.02 4.02 -18.41
C GLU B 126 -2.66 2.91 -17.57
N ARG B 127 -3.50 3.34 -16.61
CA ARG B 127 -4.07 2.40 -15.65
C ARG B 127 -4.90 1.34 -16.38
N ARG B 128 -5.62 1.76 -17.42
CA ARG B 128 -6.46 0.84 -18.19
C ARG B 128 -5.59 -0.19 -18.92
N ILE B 129 -4.48 0.28 -19.48
CA ILE B 129 -3.53 -0.59 -20.16
C ILE B 129 -2.91 -1.51 -19.11
N CYS B 130 -2.49 -0.94 -17.98
CA CYS B 130 -1.79 -1.78 -17.02
C CYS B 130 -2.68 -2.91 -16.50
N ASN B 131 -3.99 -2.70 -16.54
CA ASN B 131 -4.91 -3.66 -15.99
C ASN B 131 -5.39 -4.62 -17.07
N ALA B 132 -5.06 -4.30 -18.32
CA ALA B 132 -5.44 -5.20 -19.40
C ALA B 132 -4.42 -6.35 -19.48
N VAL B 133 -3.19 -6.11 -19.00
CA VAL B 133 -2.19 -7.18 -19.02
C VAL B 133 -2.61 -8.29 -18.05
N SER B 134 -2.60 -9.52 -18.54
CA SER B 134 -3.06 -10.61 -17.70
C SER B 134 -2.20 -10.61 -16.45
N PRO B 135 -2.78 -10.69 -15.23
CA PRO B 135 -1.98 -10.69 -13.99
C PRO B 135 -0.90 -11.77 -13.99
N ASP B 136 -1.17 -12.87 -14.71
CA ASP B 136 -0.31 -14.04 -14.69
C ASP B 136 0.90 -13.79 -15.58
N LYS B 137 0.76 -12.87 -16.52
CA LYS B 137 1.89 -12.52 -17.38
C LYS B 137 2.44 -11.16 -16.97
N ASP B 138 1.94 -10.61 -15.84
CA ASP B 138 2.26 -9.24 -15.46
C ASP B 138 3.63 -9.12 -14.80
N VAL B 139 4.73 -9.28 -15.55
CA VAL B 139 6.05 -9.41 -14.95
C VAL B 139 6.47 -8.09 -14.34
N ASP B 140 5.76 -7.02 -14.69
CA ASP B 140 6.00 -5.73 -14.05
C ASP B 140 5.20 -5.61 -12.76
N GLY B 141 4.22 -6.50 -12.54
CA GLY B 141 3.47 -6.42 -11.29
C GLY B 141 2.69 -5.10 -11.12
N PHE B 142 2.24 -4.48 -12.24
CA PHE B 142 1.59 -3.18 -12.13
C PHE B 142 0.08 -3.31 -12.26
N HIS B 143 -0.41 -4.55 -12.49
CA HIS B 143 -1.83 -4.82 -12.50
C HIS B 143 -2.45 -4.60 -11.11
N VAL B 144 -3.70 -4.12 -11.08
CA VAL B 144 -4.30 -3.75 -9.81
C VAL B 144 -4.26 -4.93 -8.84
N ILE B 145 -4.41 -6.17 -9.35
CA ILE B 145 -4.51 -7.33 -8.48
C ILE B 145 -3.16 -7.68 -7.88
N ASN B 146 -2.09 -7.46 -8.65
CA ASN B 146 -0.73 -7.65 -8.15
C ASN B 146 -0.37 -6.53 -7.20
N VAL B 147 -0.93 -5.33 -7.40
CA VAL B 147 -0.63 -4.25 -6.47
C VAL B 147 -1.38 -4.55 -5.16
N GLY B 148 -2.63 -4.96 -5.28
CA GLY B 148 -3.40 -5.39 -4.12
C GLY B 148 -2.70 -6.52 -3.36
N ARG B 149 -2.32 -7.58 -4.09
CA ARG B 149 -1.71 -8.74 -3.46
C ARG B 149 -0.44 -8.30 -2.71
N MET B 150 0.32 -7.43 -3.37
CA MET B 150 1.59 -7.02 -2.82
C MET B 150 1.31 -6.27 -1.51
N CYS B 151 0.26 -5.46 -1.51
CA CYS B 151 -0.02 -4.59 -0.38
C CYS B 151 -0.64 -5.38 0.77
N LEU B 152 -1.02 -6.64 0.52
CA LEU B 152 -1.57 -7.47 1.56
C LEU B 152 -0.52 -8.48 1.99
N ASP B 153 0.75 -8.27 1.56
CA ASP B 153 1.85 -9.19 1.81
C ASP B 153 1.57 -10.61 1.32
N GLN B 154 0.80 -10.76 0.22
CA GLN B 154 0.66 -12.12 -0.32
C GLN B 154 1.68 -12.35 -1.44
N TYR B 155 1.84 -13.60 -1.88
CA TYR B 155 2.63 -13.89 -3.07
C TYR B 155 2.11 -13.06 -4.23
N SER B 156 3.04 -12.53 -5.02
CA SER B 156 2.66 -11.72 -6.16
C SER B 156 3.85 -11.60 -7.11
N MET B 157 3.59 -11.12 -8.32
CA MET B 157 4.68 -10.64 -9.15
C MET B 157 5.11 -9.28 -8.59
N LEU B 158 6.25 -9.22 -7.92
CA LEU B 158 6.70 -7.93 -7.39
C LEU B 158 7.21 -7.03 -8.52
N PRO B 159 6.96 -5.71 -8.42
CA PRO B 159 7.52 -4.77 -9.38
C PRO B 159 9.05 -4.81 -9.30
N ALA B 160 9.73 -4.46 -10.39
CA ALA B 160 11.12 -4.89 -10.47
C ALA B 160 12.06 -3.93 -9.75
N THR B 161 11.84 -2.62 -9.88
CA THR B 161 12.68 -1.69 -9.12
C THR B 161 12.64 -2.01 -7.62
N PRO B 162 11.46 -2.04 -6.96
CA PRO B 162 11.39 -2.38 -5.54
C PRO B 162 12.08 -3.70 -5.22
N TRP B 163 11.83 -4.71 -6.05
CA TRP B 163 12.47 -5.97 -5.78
C TRP B 163 14.01 -5.83 -5.89
N GLY B 164 14.49 -5.07 -6.87
CA GLY B 164 15.91 -4.84 -7.02
C GLY B 164 16.50 -4.13 -5.79
N VAL B 165 15.76 -3.14 -5.28
CA VAL B 165 16.25 -2.39 -4.13
C VAL B 165 16.35 -3.35 -2.95
N TRP B 166 15.28 -4.13 -2.81
CA TRP B 166 15.28 -5.13 -1.77
C TRP B 166 16.49 -6.03 -1.89
N GLU B 167 16.74 -6.58 -3.09
CA GLU B 167 17.83 -7.54 -3.27
C GLU B 167 19.19 -6.87 -2.98
N ILE B 168 19.38 -5.63 -3.41
CA ILE B 168 20.63 -4.93 -3.13
C ILE B 168 20.83 -4.92 -1.62
N ILE B 169 19.76 -4.65 -0.88
CA ILE B 169 19.86 -4.53 0.56
C ILE B 169 20.13 -5.90 1.18
N LYS B 170 19.31 -6.89 0.85
CA LYS B 170 19.53 -8.21 1.43
C LYS B 170 20.86 -8.79 0.95
N ARG B 171 21.18 -8.64 -0.33
CA ARG B 171 22.36 -9.35 -0.83
C ARG B 171 23.62 -8.80 -0.17
N THR B 172 23.68 -7.47 -0.01
CA THR B 172 24.76 -6.82 0.71
C THR B 172 24.71 -7.14 2.20
N GLY B 173 23.63 -7.77 2.71
CA GLY B 173 23.57 -8.12 4.12
C GLY B 173 23.35 -6.94 5.08
N ILE B 174 22.81 -5.81 4.59
CA ILE B 174 22.41 -4.70 5.44
C ILE B 174 21.12 -5.09 6.18
N PRO B 175 21.09 -4.98 7.53
CA PRO B 175 19.88 -5.32 8.32
C PRO B 175 18.70 -4.36 8.11
N THR B 176 17.49 -4.89 8.31
CA THR B 176 16.33 -4.01 8.16
C THR B 176 15.39 -4.08 9.36
N LEU B 177 15.32 -5.24 10.01
CA LEU B 177 14.35 -5.44 11.07
C LEU B 177 14.66 -4.53 12.25
N GLY B 178 13.67 -3.78 12.70
CA GLY B 178 13.92 -2.80 13.74
C GLY B 178 14.59 -1.53 13.23
N LYS B 179 15.19 -1.57 12.04
CA LYS B 179 15.93 -0.38 11.62
C LYS B 179 15.00 0.72 11.14
N ASN B 180 15.60 1.88 10.83
CA ASN B 180 14.91 3.08 10.38
C ASN B 180 15.25 3.32 8.92
N VAL B 181 14.22 3.58 8.10
CA VAL B 181 14.33 3.70 6.65
C VAL B 181 13.52 4.89 6.18
N VAL B 182 14.13 5.68 5.29
CA VAL B 182 13.39 6.74 4.64
C VAL B 182 13.36 6.44 3.15
N VAL B 183 12.17 6.59 2.56
CA VAL B 183 12.00 6.48 1.12
C VAL B 183 11.53 7.81 0.56
N ALA B 184 12.37 8.45 -0.27
CA ALA B 184 11.93 9.68 -0.89
C ALA B 184 11.21 9.37 -2.21
N GLY B 185 9.89 9.49 -2.19
CA GLY B 185 9.09 9.32 -3.40
C GLY B 185 8.01 8.28 -3.15
N ARG B 186 6.91 8.40 -3.88
CA ARG B 186 5.72 7.68 -3.51
C ARG B 186 5.00 7.23 -4.77
N SER B 187 5.73 7.12 -5.87
CA SER B 187 5.14 6.63 -7.11
C SER B 187 4.69 5.19 -6.88
N LYS B 188 3.72 4.78 -7.68
CA LYS B 188 3.00 3.55 -7.38
C LYS B 188 3.76 2.33 -7.86
N ASN B 189 4.80 2.54 -8.68
CA ASN B 189 5.53 1.38 -9.16
C ASN B 189 6.94 1.38 -8.61
N VAL B 190 7.32 2.47 -7.91
CA VAL B 190 8.66 2.51 -7.34
C VAL B 190 8.61 2.77 -5.83
N GLY B 191 8.31 4.02 -5.44
CA GLY B 191 8.51 4.45 -4.05
C GLY B 191 7.54 3.78 -3.07
N MET B 192 6.26 3.78 -3.42
CA MET B 192 5.27 3.18 -2.54
C MET B 192 5.59 1.69 -2.35
N PRO B 193 5.83 0.91 -3.43
CA PRO B 193 6.19 -0.50 -3.29
C PRO B 193 7.47 -0.70 -2.47
N ILE B 194 8.45 0.20 -2.63
CA ILE B 194 9.64 0.06 -1.78
C ILE B 194 9.26 0.19 -0.29
N ALA B 195 8.54 1.28 0.04
CA ALA B 195 8.02 1.50 1.39
C ALA B 195 7.17 0.32 1.85
N MET B 196 6.38 -0.25 0.94
CA MET B 196 5.61 -1.41 1.36
C MET B 196 6.51 -2.61 1.69
N LEU B 197 7.53 -2.88 0.87
CA LEU B 197 8.29 -4.09 1.15
C LEU B 197 9.07 -3.89 2.45
N LEU B 198 9.60 -2.69 2.64
CA LEU B 198 10.57 -2.49 3.69
C LEU B 198 9.93 -2.57 5.09
N HIS B 199 8.66 -2.14 5.22
CA HIS B 199 8.06 -1.98 6.56
C HIS B 199 7.27 -3.22 6.99
N THR B 200 7.07 -4.18 6.09
CA THR B 200 6.08 -5.18 6.41
C THR B 200 6.73 -6.38 7.07
N ASP B 201 5.88 -7.34 7.44
CA ASP B 201 6.16 -8.44 8.34
C ASP B 201 6.95 -9.55 7.65
N GLY B 202 8.19 -9.74 8.17
CA GLY B 202 9.09 -10.79 7.75
C GLY B 202 8.42 -12.15 7.76
N ALA B 203 7.29 -12.28 8.49
CA ALA B 203 6.65 -13.58 8.66
C ALA B 203 5.54 -13.81 7.65
N HIS B 204 5.20 -12.81 6.84
CA HIS B 204 4.06 -12.94 5.95
C HIS B 204 4.40 -13.76 4.70
N GLU B 205 3.36 -14.11 3.97
CA GLU B 205 3.49 -15.03 2.85
C GLU B 205 4.55 -14.49 1.89
N ARG B 206 4.56 -13.17 1.69
CA ARG B 206 5.63 -12.49 0.99
C ARG B 206 6.32 -11.63 2.04
N PRO B 207 7.48 -12.08 2.51
CA PRO B 207 8.11 -11.46 3.68
C PRO B 207 8.41 -10.00 3.36
N GLY B 208 8.41 -9.12 4.38
CA GLY B 208 8.92 -7.75 4.23
C GLY B 208 10.06 -7.51 5.21
N GLY B 209 10.56 -6.28 5.30
CA GLY B 209 11.78 -6.05 6.04
C GLY B 209 11.62 -5.61 7.50
N ASP B 210 10.38 -5.41 8.00
CA ASP B 210 10.14 -5.07 9.41
C ASP B 210 10.92 -3.82 9.81
N ALA B 211 11.14 -2.90 8.88
CA ALA B 211 11.77 -1.65 9.24
C ALA B 211 10.71 -0.64 9.67
N THR B 212 11.21 0.45 10.25
CA THR B 212 10.37 1.58 10.54
C THR B 212 10.55 2.53 9.36
N VAL B 213 9.50 2.69 8.55
CA VAL B 213 9.66 3.41 7.29
C VAL B 213 8.97 4.77 7.29
N THR B 214 9.67 5.78 6.79
CA THR B 214 9.03 7.06 6.54
C THR B 214 8.96 7.31 5.04
N ILE B 215 7.76 7.63 4.52
CA ILE B 215 7.57 8.02 3.13
C ILE B 215 7.53 9.54 3.03
N SER B 216 8.37 10.08 2.14
CA SER B 216 8.40 11.50 1.85
C SER B 216 8.14 11.68 0.37
N HIS B 217 7.91 12.90 -0.08
CA HIS B 217 7.45 13.12 -1.43
C HIS B 217 7.57 14.61 -1.71
N ARG B 218 6.96 15.06 -2.80
CA ARG B 218 7.28 16.40 -3.27
C ARG B 218 6.81 17.50 -2.31
N TYR B 219 5.96 17.19 -1.30
CA TYR B 219 5.45 18.22 -0.39
C TYR B 219 6.15 18.12 0.96
N THR B 220 7.12 17.23 1.06
CA THR B 220 7.97 17.32 2.24
C THR B 220 8.74 18.64 2.16
N PRO B 221 8.74 19.43 3.27
CA PRO B 221 9.65 20.56 3.40
C PRO B 221 11.06 20.01 3.54
N LYS B 222 12.04 20.72 2.92
CA LYS B 222 13.44 20.32 2.93
C LYS B 222 13.88 19.93 4.35
N GLU B 223 13.51 20.76 5.32
CA GLU B 223 13.94 20.55 6.69
C GLU B 223 13.38 19.23 7.23
N GLN B 224 12.14 18.89 6.82
CA GLN B 224 11.48 17.73 7.38
C GLN B 224 12.16 16.44 6.91
N LEU B 225 12.56 16.41 5.63
CA LEU B 225 13.29 15.24 5.12
C LEU B 225 14.55 15.02 5.95
N LYS B 226 15.33 16.11 6.09
CA LYS B 226 16.61 16.13 6.81
C LYS B 226 16.47 15.55 8.22
N LYS B 227 15.42 15.99 8.95
CA LYS B 227 15.16 15.53 10.31
C LYS B 227 14.79 14.04 10.29
N HIS B 228 14.36 13.54 9.12
CA HIS B 228 14.05 12.13 9.05
C HIS B 228 15.25 11.30 8.60
N THR B 229 15.97 11.80 7.59
CA THR B 229 17.08 11.04 7.01
C THR B 229 18.19 10.87 8.05
N ILE B 230 18.37 11.90 8.87
CA ILE B 230 19.46 11.94 9.83
C ILE B 230 19.23 10.82 10.85
N LEU B 231 18.00 10.32 10.91
CA LEU B 231 17.68 9.25 11.86
C LEU B 231 17.83 7.88 11.19
N ALA B 232 18.12 7.85 9.87
CA ALA B 232 17.87 6.66 9.07
C ALA B 232 19.16 5.90 8.79
N ASP B 233 19.09 4.61 9.15
CA ASP B 233 19.99 3.53 8.77
C ASP B 233 19.99 3.31 7.25
N ILE B 234 18.83 3.47 6.59
CA ILE B 234 18.81 3.33 5.15
C ILE B 234 18.00 4.47 4.57
N VAL B 235 18.57 5.15 3.57
CA VAL B 235 17.85 6.17 2.84
C VAL B 235 17.71 5.68 1.40
N ILE B 236 16.48 5.42 0.98
CA ILE B 236 16.20 5.02 -0.38
C ILE B 236 15.55 6.20 -1.07
N SER B 237 16.19 6.70 -2.15
CA SER B 237 15.74 7.92 -2.79
C SER B 237 15.25 7.65 -4.20
N ALA B 238 13.99 7.98 -4.45
CA ALA B 238 13.34 7.58 -5.69
C ALA B 238 12.45 8.74 -6.09
N ALA B 239 13.09 9.92 -6.16
CA ALA B 239 12.38 11.19 -6.33
C ALA B 239 12.63 11.74 -7.72
N GLY B 240 13.81 11.40 -8.27
CA GLY B 240 14.15 11.96 -9.56
C GLY B 240 14.51 13.43 -9.43
N ILE B 241 15.39 13.76 -8.48
CA ILE B 241 15.83 15.13 -8.31
C ILE B 241 17.33 15.12 -8.01
N PRO B 242 18.17 15.60 -8.94
CA PRO B 242 19.63 15.60 -8.74
C PRO B 242 19.98 16.30 -7.43
N ASN B 243 20.71 15.59 -6.56
CA ASN B 243 21.33 16.19 -5.39
C ASN B 243 20.32 16.45 -4.26
N LEU B 244 19.16 15.81 -4.38
CA LEU B 244 18.19 15.82 -3.30
C LEU B 244 18.85 15.33 -2.01
N ILE B 245 19.71 14.32 -2.14
CA ILE B 245 20.36 13.82 -0.93
C ILE B 245 21.81 14.35 -0.90
N THR B 246 22.13 15.15 0.12
CA THR B 246 23.47 15.65 0.38
C THR B 246 23.99 15.08 1.70
N ALA B 247 25.27 15.27 1.98
CA ALA B 247 25.95 14.43 2.97
C ALA B 247 25.52 14.78 4.40
N ASP B 248 25.01 16.01 4.59
CA ASP B 248 24.55 16.47 5.90
C ASP B 248 23.20 15.85 6.25
N MET B 249 22.53 15.26 5.25
CA MET B 249 21.19 14.68 5.46
C MET B 249 21.33 13.26 5.99
N ILE B 250 22.48 12.63 5.70
CA ILE B 250 22.67 11.24 6.06
C ILE B 250 23.45 11.16 7.36
N LYS B 251 23.22 10.10 8.13
CA LYS B 251 24.04 9.89 9.30
C LYS B 251 25.17 8.92 8.97
N GLU B 252 26.36 9.22 9.50
CA GLU B 252 27.56 8.44 9.29
C GLU B 252 27.21 6.95 9.40
N GLY B 253 27.57 6.19 8.36
CA GLY B 253 27.49 4.74 8.40
C GLY B 253 26.28 4.20 7.62
N ALA B 254 25.34 5.09 7.31
CA ALA B 254 24.06 4.66 6.77
C ALA B 254 24.19 4.24 5.31
N ALA B 255 23.33 3.32 4.90
CA ALA B 255 23.25 2.84 3.53
C ALA B 255 22.42 3.81 2.68
N VAL B 256 22.97 4.23 1.54
CA VAL B 256 22.20 5.08 0.67
C VAL B 256 21.96 4.41 -0.69
N ILE B 257 20.69 4.10 -0.95
CA ILE B 257 20.31 3.44 -2.19
C ILE B 257 19.74 4.49 -3.13
N ASP B 258 20.44 4.73 -4.24
CA ASP B 258 20.06 5.81 -5.14
C ASP B 258 19.29 5.27 -6.34
N VAL B 259 17.98 5.57 -6.37
CA VAL B 259 17.04 4.98 -7.30
C VAL B 259 16.73 5.99 -8.40
N GLY B 260 17.31 7.19 -8.27
CA GLY B 260 17.08 8.26 -9.23
C GLY B 260 17.76 8.00 -10.58
N ILE B 261 17.07 8.38 -11.66
CA ILE B 261 17.56 8.28 -13.01
C ILE B 261 17.27 9.64 -13.65
N ASN B 262 18.26 10.55 -13.58
CA ASN B 262 18.11 11.91 -14.06
C ASN B 262 19.10 12.19 -15.21
N ARG B 263 18.53 12.41 -16.40
CA ARG B 263 19.25 12.89 -17.57
C ARG B 263 19.44 14.41 -17.46
N VAL B 264 20.69 14.83 -17.18
CA VAL B 264 21.12 16.23 -17.23
C VAL B 264 22.05 16.41 -18.44
N HIS B 265 22.26 17.67 -18.89
CA HIS B 265 23.24 17.98 -19.94
C HIS B 265 24.40 18.79 -19.36
N ASP B 266 25.60 18.72 -19.95
CA ASP B 266 26.70 19.59 -19.55
C ASP B 266 27.12 20.46 -20.75
N LYS B 271 27.47 16.99 -23.98
CA LYS B 271 27.61 15.97 -22.90
C LYS B 271 26.29 15.81 -22.15
N PRO B 272 25.24 15.14 -22.73
CA PRO B 272 24.06 14.71 -21.96
C PRO B 272 24.39 13.48 -21.10
N LYS B 273 23.91 13.44 -19.85
CA LYS B 273 24.42 12.55 -18.80
C LYS B 273 23.30 11.80 -18.06
N LEU B 274 23.68 10.87 -17.18
CA LEU B 274 22.78 10.13 -16.31
C LEU B 274 23.22 10.39 -14.88
N VAL B 275 22.38 11.04 -14.07
CA VAL B 275 22.80 11.22 -12.68
C VAL B 275 21.70 10.72 -11.75
N GLY B 276 22.09 10.54 -10.49
CA GLY B 276 21.21 9.99 -9.48
C GLY B 276 20.36 11.04 -8.78
N ASP B 277 19.99 10.67 -7.56
CA ASP B 277 19.25 11.56 -6.68
C ASP B 277 20.27 12.10 -5.69
N VAL B 278 21.28 11.28 -5.40
CA VAL B 278 22.29 11.54 -4.39
C VAL B 278 23.47 12.36 -4.96
N ASP B 279 24.07 13.19 -4.10
CA ASP B 279 25.41 13.70 -4.35
C ASP B 279 26.38 12.58 -3.99
N PHE B 280 26.83 11.90 -5.05
CA PHE B 280 27.58 10.67 -4.93
C PHE B 280 28.94 10.97 -4.31
N GLU B 281 29.62 11.97 -4.90
CA GLU B 281 30.99 12.31 -4.54
C GLU B 281 31.04 12.60 -3.04
N GLY B 282 30.14 13.48 -2.56
CA GLY B 282 30.07 13.91 -1.17
C GLY B 282 29.60 12.85 -0.18
N VAL B 283 28.40 12.30 -0.42
CA VAL B 283 27.80 11.35 0.50
C VAL B 283 28.70 10.13 0.65
N ARG B 284 29.49 9.85 -0.41
CA ARG B 284 30.47 8.79 -0.41
C ARG B 284 31.22 8.76 0.93
N GLN B 285 31.58 9.96 1.45
CA GLN B 285 32.43 10.10 2.64
C GLN B 285 31.67 9.71 3.90
N LYS B 286 30.39 10.10 3.97
CA LYS B 286 29.55 9.98 5.15
C LYS B 286 28.98 8.55 5.31
N ALA B 287 28.53 7.96 4.19
CA ALA B 287 27.70 6.75 4.18
C ALA B 287 28.54 5.50 4.39
N GLY B 288 27.98 4.50 5.10
CA GLY B 288 28.56 3.18 5.22
C GLY B 288 28.48 2.36 3.91
N TYR B 289 27.40 2.55 3.14
CA TYR B 289 27.25 1.97 1.81
C TYR B 289 26.57 2.97 0.88
N ILE B 290 26.88 2.89 -0.42
CA ILE B 290 26.23 3.74 -1.39
C ILE B 290 26.10 2.97 -2.70
N THR B 291 25.21 3.42 -3.60
CA THR B 291 25.05 2.78 -4.89
C THR B 291 25.19 3.85 -5.97
N PRO B 292 25.91 3.53 -7.06
CA PRO B 292 26.18 4.52 -8.10
C PRO B 292 25.08 4.66 -9.15
N VAL B 293 25.15 5.77 -9.89
CA VAL B 293 24.29 5.96 -11.03
C VAL B 293 25.14 6.56 -12.15
N PRO B 294 25.30 5.85 -13.29
CA PRO B 294 24.60 4.60 -13.53
C PRO B 294 25.27 3.42 -12.84
N GLY B 295 24.79 2.20 -13.13
CA GLY B 295 25.45 0.99 -12.64
C GLY B 295 24.97 0.55 -11.25
N GLY B 296 23.92 1.23 -10.74
CA GLY B 296 23.43 0.97 -9.39
C GLY B 296 22.16 0.11 -9.38
N VAL B 297 21.02 0.78 -9.22
CA VAL B 297 19.76 0.10 -9.05
C VAL B 297 19.28 -0.35 -10.42
N GLY B 298 19.55 0.47 -11.43
CA GLY B 298 19.08 0.26 -12.79
C GLY B 298 19.28 -1.17 -13.29
N PRO B 299 20.54 -1.66 -13.37
CA PRO B 299 20.82 -3.04 -13.77
C PRO B 299 20.01 -4.06 -12.96
N MET B 300 19.75 -3.76 -11.69
CA MET B 300 19.01 -4.69 -10.85
C MET B 300 17.55 -4.74 -11.27
N THR B 301 16.99 -3.58 -11.61
CA THR B 301 15.62 -3.57 -12.06
C THR B 301 15.48 -4.56 -13.21
N VAL B 302 16.40 -4.44 -14.16
CA VAL B 302 16.35 -5.27 -15.35
C VAL B 302 16.52 -6.73 -14.94
N ALA B 303 17.39 -6.99 -13.98
CA ALA B 303 17.63 -8.39 -13.66
C ALA B 303 16.38 -9.02 -13.00
N MET B 304 15.68 -8.26 -12.16
CA MET B 304 14.55 -8.82 -11.43
C MET B 304 13.40 -9.13 -12.39
N LEU B 305 13.32 -8.32 -13.47
CA LEU B 305 12.37 -8.67 -14.50
C LEU B 305 12.65 -10.08 -15.05
N MET B 306 13.93 -10.50 -15.07
CA MET B 306 14.22 -11.82 -15.61
C MET B 306 13.73 -12.87 -14.62
N LYS B 307 13.87 -12.59 -13.31
CA LYS B 307 13.36 -13.49 -12.27
C LYS B 307 11.85 -13.67 -12.44
N ASN B 308 11.16 -12.52 -12.57
CA ASN B 308 9.71 -12.50 -12.74
C ASN B 308 9.27 -13.28 -13.99
N THR B 309 10.12 -13.31 -15.02
CA THR B 309 9.71 -13.95 -16.26
C THR B 309 9.77 -15.46 -16.11
N ILE B 310 10.80 -15.96 -15.42
CA ILE B 310 10.84 -17.40 -15.18
C ILE B 310 9.72 -17.78 -14.20
N ILE B 311 9.52 -17.00 -13.13
CA ILE B 311 8.35 -17.23 -12.30
C ILE B 311 7.10 -17.33 -13.17
N ALA B 312 6.90 -16.38 -14.09
CA ALA B 312 5.68 -16.38 -14.91
C ALA B 312 5.59 -17.70 -15.67
N ALA B 313 6.69 -18.07 -16.35
CA ALA B 313 6.76 -19.28 -17.17
C ALA B 313 6.35 -20.50 -16.33
N LYS B 314 6.71 -20.53 -15.04
CA LYS B 314 6.48 -21.70 -14.22
C LYS B 314 5.05 -21.82 -13.70
N LYS B 315 4.26 -20.74 -13.79
CA LYS B 315 2.86 -20.78 -13.37
C LYS B 315 2.72 -21.20 -11.91
N VAL B 316 3.65 -20.74 -11.07
CA VAL B 316 3.58 -20.88 -9.63
C VAL B 316 2.26 -20.27 -9.15
N LEU B 317 2.02 -19.00 -9.48
CA LEU B 317 1.04 -18.17 -8.81
C LEU B 317 -0.41 -18.54 -9.16
N ARG B 318 -0.72 -18.77 -10.44
CA ARG B 318 -1.96 -19.42 -10.81
C ARG B 318 -1.70 -20.47 -11.90
C16 BQF C . -16.36 3.27 21.09
C18 BQF C . -13.07 -3.66 15.73
C20 BQF C . -10.90 -4.55 16.33
C21 BQF C . -11.20 -5.74 15.63
C22 BQF C . -12.40 -5.90 14.95
C15 BQF C . -15.60 1.22 19.82
C13 BQF C . -17.04 0.34 18.03
C12 BQF C . -17.99 1.36 18.25
C11 BQF C . -17.73 2.31 19.25
C9 BQF C . -17.24 -0.66 16.96
C3 BQF C . -14.11 -2.64 15.75
C4 BQF C . -13.80 -1.33 16.49
C2 BQF C . -15.27 -2.86 15.07
C1 BQF C . -16.57 2.23 20.06
C6 BQF C . -16.41 -1.90 15.05
C5 BQF C . -14.85 -0.27 16.18
O4 BQF C . -15.21 3.50 21.49
O3 BQF C . -17.35 3.93 21.43
C14 BQF C . -15.87 0.27 18.80
O2 BQF C . -18.35 -1.19 16.79
N1 BQF C . -16.18 -0.90 16.14
C7 BQF C . -15.51 -4.09 14.35
O1 BQF C . -16.57 -4.28 13.76
O5 BQF C . -14.52 -5.04 14.36
C17 BQF C . -13.34 -4.86 15.03
C19 BQF C . -11.84 -3.49 16.40
P PO4 D . 1.81 -7.49 12.06
O1 PO4 D . 2.26 -8.35 10.86
O2 PO4 D . 3.00 -6.96 12.90
O3 PO4 D . 0.91 -8.38 12.90
O4 PO4 D . 1.00 -6.27 11.56
C16 BQF E . 8.91 -2.00 26.65
C18 BQF E . 3.76 -1.94 18.27
C20 BQF E . 1.98 -3.52 17.78
C21 BQF E . 1.52 -2.70 16.74
C22 BQF E . 2.18 -1.48 16.47
C15 BQF E . 7.15 -0.93 25.24
C13 BQF E . 7.68 -0.25 22.95
C12 BQF E . 9.00 -0.72 23.08
C11 BQF E . 9.38 -1.30 24.31
C9 BQF E . 7.26 0.39 21.69
C3 BQF E . 4.91 -1.44 19.01
C4 BQF E . 5.43 -2.30 20.14
C2 BQF E . 5.47 -0.28 18.65
C1 BQF E . 8.46 -1.40 25.37
C6 BQF E . 6.69 0.31 19.33
C5 BQF E . 6.85 -1.84 20.50
O4 BQF E . 9.52 -3.08 26.63
O3 BQF E . 8.70 -1.40 27.73
C14 BQF E . 6.76 -0.34 24.02
O2 BQF E . 7.22 1.64 21.69
N1 BQF E . 6.95 -0.38 20.60
C7 BQF E . 4.97 0.55 17.54
O1 BQF E . 5.43 1.65 17.17
O5 BQF E . 3.91 0.05 16.96
C17 BQF E . 3.30 -1.13 17.23
C19 BQF E . 3.10 -3.15 18.56
C1 GOL F . -6.29 -7.91 9.59
O1 GOL F . -6.61 -8.98 8.72
C2 GOL F . -6.42 -8.35 11.03
O2 GOL F . -5.73 -7.44 11.87
C3 GOL F . -7.87 -8.52 11.48
O3 GOL F . -8.31 -9.87 11.36
C1 GOL G . -5.97 -10.73 5.72
O1 GOL G . -7.02 -10.36 4.84
C2 GOL G . -4.74 -9.87 5.47
O2 GOL G . -3.84 -9.92 6.58
C3 GOL G . -4.04 -10.27 4.20
O3 GOL G . -4.87 -11.13 3.44
P PO4 H . 3.08 12.07 -7.06
O1 PO4 H . 3.64 10.67 -6.76
O2 PO4 H . 3.58 13.05 -6.01
O3 PO4 H . 3.57 12.54 -8.42
O4 PO4 H . 1.54 12.03 -7.06
C16 BQF I . 22.12 1.96 -14.99
C18 BQF I . 12.73 3.48 -15.92
C20 BQF I . 11.87 5.64 -15.18
C21 BQF I . 10.73 5.44 -15.99
C22 BQF I . 10.56 4.27 -16.78
C15 BQF I . 19.74 2.36 -15.59
C13 BQF I . 18.33 0.66 -16.66
C12 BQF I . 19.47 -0.19 -16.66
C11 BQF I . 20.73 0.19 -16.14
C9 BQF I . 16.98 0.28 -17.20
C3 BQF I . 13.73 2.39 -15.96
C4 BQF I . 15.02 2.51 -15.15
C2 BQF I . 13.55 1.29 -16.73
C1 BQF I . 20.86 1.49 -15.60
C6 BQF I . 14.52 0.13 -16.87
C5 BQF I . 15.83 1.21 -15.14
O4 BQF I . 23.20 1.40 -15.21
O3 BQF I . 22.04 2.89 -14.17
C14 BQF I . 18.50 1.97 -16.13
O2 BQF I . 16.90 -0.24 -18.29
N1 BQF I . 15.87 0.53 -16.45
C7 BQF I . 12.35 1.16 -17.54
O1 BQF I . 12.20 0.18 -18.23
O5 BQF I . 11.42 2.16 -17.49
C17 BQF I . 11.58 3.29 -16.73
C19 BQF I . 12.88 4.67 -15.17
C16 BQF J . 14.39 23.88 -2.89
C18 BQF J . 10.50 15.11 -3.46
C20 BQF J . 9.66 14.36 -5.62
C21 BQF J . 9.66 13.03 -5.16
C22 BQF J . 10.08 12.73 -3.85
C15 BQF J . 14.95 21.44 -2.67
C13 BQF J . 13.67 20.04 -1.17
C12 BQF J . 12.85 21.12 -0.80
C11 BQF J . 13.09 22.38 -1.37
C9 BQF J . 13.43 18.70 -0.59
C3 BQF J . 10.95 16.17 -2.51
C4 BQF J . 10.97 17.63 -3.00
C2 BQF J . 11.33 15.82 -1.26
C1 BQF J . 14.13 22.54 -2.30
C6 BQF J . 11.80 16.87 -0.26
C5 BQF J . 11.28 18.65 -1.91
O4 BQF J . 15.17 24.63 -2.28
O3 BQF J . 13.87 24.22 -3.96
C14 BQF J . 14.71 20.20 -2.10
O2 BQF J . 14.31 18.20 0.12
N1 BQF J . 12.24 18.11 -0.91
C7 BQF J . 11.30 14.41 -0.79
O1 BQF J . 11.64 14.02 0.34
O5 BQF J . 10.87 13.47 -1.70
C17 BQF J . 10.48 13.78 -3.00
C19 BQF J . 10.08 15.40 -4.77
C1 GOL K . -0.42 -13.89 4.73
O1 GOL K . 0.90 -13.53 5.12
C2 GOL K . -1.20 -12.64 4.40
O2 GOL K . -0.28 -11.55 4.40
C3 GOL K . -1.93 -12.71 3.08
O3 GOL K . -3.09 -13.53 3.18
C1 GOL L . 3.50 5.47 -12.08
O1 GOL L . 2.39 5.10 -12.90
C2 GOL L . 4.36 6.45 -12.83
O2 GOL L . 5.47 6.86 -12.01
C3 GOL L . 4.84 5.90 -14.16
O3 GOL L . 3.88 6.14 -15.18
C1 GOL M . -0.87 4.31 -12.95
O1 GOL M . -0.96 2.93 -13.29
C2 GOL M . -0.89 4.50 -11.44
O2 GOL M . -0.13 5.65 -11.07
C3 GOL M . -2.29 4.55 -10.88
O3 GOL M . -3.20 3.95 -11.79
#